data_3VRW
#
_entry.id   3VRW
#
_cell.length_a   154.210
_cell.length_b   43.210
_cell.length_c   42.380
_cell.angle_alpha   90.000
_cell.angle_beta   95.490
_cell.angle_gamma   90.000
#
_symmetry.space_group_name_H-M   'C 1 2 1'
#
loop_
_entity.id
_entity.type
_entity.pdbx_description
1 polymer 'Vitamin D3 receptor'
2 polymer '13-meric peptide from Mediator of RNA polymerase II transcription subunit 1'
3 non-polymer (1R,3R,7E,17beta)-17-[(2R,3S)-3-butyl-5-ethyl-5-hydroxyheptan-2-yl]-2-methylidene-9,10-secoestra-5,7-diene-1,3-diol
4 water water
#
loop_
_entity_poly.entity_id
_entity_poly.type
_entity_poly.pdbx_seq_one_letter_code
_entity_poly.pdbx_strand_id
1 'polypeptide(L)'
;GSHMGSPNSPLKDSLRPKLSEEQQHIIAILLDAHHKTYDPTYADFRDFRPPVRMDGSTGSVTLDLSPLSMLPHLADLVSY
SIQKVIGFAKMIPGFRDLTSDDQIVLLKSSAIEVIMLRSNQSFTMDDMSWDCGSQDYKYDVTDVSKAGHTLELIEPLIKF
QVGLKKLNLHEEEHVLLMAICIVSPDRPGVQDAKLVEAIQDRLSNTLQTYIRCRHPPPGSHQLYAKMIQKLADLRSLNEE
HSKQYRSLSFQPENSMKLTPLVLEVFGNEIS
;
A
2 'polypeptide(L)' KNHPMLMNLLKDN C
#
loop_
_chem_comp.id
_chem_comp.type
_chem_comp.name
_chem_comp.formula
YS5 non-polymer (1R,3R,7E,17beta)-17-[(2R,3S)-3-butyl-5-ethyl-5-hydroxyheptan-2-yl]-2-methylidene-9,10-secoestra-5,7-diene-1,3-diol 'C32 H54 O3'
#
# COMPACT_ATOMS: atom_id res chain seq x y z
N LYS A 18 22.72 8.09 17.77
CA LYS A 18 22.21 6.69 17.57
C LYS A 18 20.68 6.60 17.62
N LEU A 19 20.22 5.37 17.41
CA LEU A 19 18.80 5.02 17.44
C LEU A 19 18.50 4.77 18.92
N SER A 20 17.46 5.40 19.45
CA SER A 20 17.10 5.18 20.86
C SER A 20 16.36 3.85 21.06
N GLU A 21 16.08 3.50 22.31
CA GLU A 21 15.39 2.25 22.63
C GLU A 21 13.94 2.23 22.14
N GLU A 22 13.30 3.39 22.16
CA GLU A 22 11.91 3.46 21.71
C GLU A 22 11.88 3.30 20.17
N GLN A 23 12.80 3.97 19.50
CA GLN A 23 12.93 3.81 18.06
C GLN A 23 13.25 2.39 17.69
N GLN A 24 14.08 1.69 18.48
CA GLN A 24 14.34 0.28 18.11
C GLN A 24 13.08 -0.53 18.29
N HIS A 25 12.28 -0.11 19.28
CA HIS A 25 11.02 -0.75 19.63
C HIS A 25 10.02 -0.57 18.51
N ILE A 26 9.86 0.67 18.04
CA ILE A 26 9.00 0.96 16.89
C ILE A 26 9.33 0.05 15.70
N ILE A 27 10.60 -0.04 15.32
CA ILE A 27 11.01 -0.91 14.21
C ILE A 27 10.69 -2.40 14.38
N ALA A 28 11.03 -2.95 15.55
CA ALA A 28 10.76 -4.34 15.89
C ALA A 28 9.28 -4.62 15.72
N ILE A 29 8.44 -3.65 16.11
CA ILE A 29 6.97 -3.79 15.99
C ILE A 29 6.48 -3.77 14.55
N LEU A 30 7.00 -2.83 13.75
CA LEU A 30 6.53 -2.64 12.38
C LEU A 30 6.98 -3.81 11.55
N LEU A 31 8.21 -4.28 11.74
CA LEU A 31 8.69 -5.49 11.06
C LEU A 31 7.82 -6.72 11.34
N ASP A 32 7.57 -6.98 12.62
CA ASP A 32 6.79 -8.14 13.02
C ASP A 32 5.37 -7.99 12.50
N ALA A 33 4.87 -6.76 12.53
CA ALA A 33 3.51 -6.51 12.04
C ALA A 33 3.41 -6.78 10.53
N HIS A 34 4.49 -6.51 9.77
CA HIS A 34 4.55 -6.74 8.33
C HIS A 34 4.73 -8.24 8.08
N HIS A 35 5.52 -8.90 8.92
CA HIS A 35 5.70 -10.37 8.81
C HIS A 35 4.40 -11.17 8.99
N LYS A 36 3.49 -10.62 9.78
CA LYS A 36 2.23 -11.25 10.06
C LYS A 36 1.15 -10.95 9.03
N THR A 37 1.35 -9.91 8.22
CA THR A 37 0.35 -9.52 7.21
C THR A 37 0.86 -9.72 5.77
N TYR A 38 2.08 -10.22 5.63
CA TYR A 38 2.66 -10.45 4.31
C TYR A 38 3.28 -11.84 4.23
N ASP A 39 2.63 -12.68 3.44
CA ASP A 39 3.04 -14.05 3.19
C ASP A 39 3.83 -14.13 1.87
N PRO A 40 5.18 -14.22 1.97
CA PRO A 40 6.02 -14.14 0.77
C PRO A 40 5.86 -15.40 -0.07
N THR A 41 5.14 -16.41 0.42
CA THR A 41 4.79 -17.58 -0.44
C THR A 41 3.51 -17.37 -1.26
N TYR A 42 2.71 -16.34 -0.93
CA TYR A 42 1.45 -16.10 -1.65
C TYR A 42 0.54 -17.34 -1.70
N ALA A 43 0.49 -18.09 -0.62
CA ALA A 43 -0.34 -19.31 -0.54
C ALA A 43 -1.84 -19.07 -0.73
N ASP A 44 -2.34 -17.98 -0.18
CA ASP A 44 -3.79 -17.72 -0.17
C ASP A 44 -4.29 -17.25 -1.53
N PHE A 45 -3.40 -17.25 -2.52
CA PHE A 45 -3.78 -16.76 -3.85
C PHE A 45 -4.67 -17.76 -4.54
N ARG A 46 -4.58 -19.01 -4.09
CA ARG A 46 -5.38 -20.08 -4.64
C ARG A 46 -6.90 -19.93 -4.29
N ASP A 47 -7.21 -19.00 -3.39
CA ASP A 47 -8.59 -18.79 -2.97
C ASP A 47 -9.32 -17.77 -3.78
N PHE A 48 -8.60 -16.92 -4.52
CA PHE A 48 -9.21 -15.91 -5.42
C PHE A 48 -9.95 -16.52 -6.63
N ARG A 49 -10.81 -15.76 -7.26
CA ARG A 49 -11.36 -16.18 -8.55
C ARG A 49 -10.23 -16.32 -9.56
N PRO A 50 -10.22 -17.41 -10.30
CA PRO A 50 -9.09 -17.75 -11.15
C PRO A 50 -8.78 -16.67 -12.19
N PRO A 51 -7.48 -16.44 -12.48
CA PRO A 51 -7.11 -15.50 -13.55
C PRO A 51 -7.44 -16.05 -14.95
N VAL A 52 -7.92 -15.19 -15.83
CA VAL A 52 -8.14 -15.52 -17.26
C VAL A 52 -7.27 -14.59 -18.13
N ARG A 53 -6.35 -15.19 -18.89
CA ARG A 53 -5.51 -14.41 -19.81
C ARG A 53 -5.78 -14.90 -21.23
N MET A 54 -6.28 -14.01 -22.10
CA MET A 54 -6.57 -14.41 -23.50
C MET A 54 -5.80 -13.57 -24.53
N PRO A 67 -12.66 -8.84 -22.49
CA PRO A 67 -12.07 -7.70 -21.81
C PRO A 67 -12.53 -7.69 -20.37
N LEU A 68 -11.70 -7.12 -19.49
CA LEU A 68 -11.95 -7.14 -18.02
C LEU A 68 -11.92 -8.56 -17.54
N SER A 69 -11.22 -9.42 -18.27
CA SER A 69 -11.21 -10.83 -17.93
C SER A 69 -10.35 -11.14 -16.69
N MET A 70 -9.60 -10.14 -16.24
CA MET A 70 -8.66 -10.25 -15.11
C MET A 70 -9.19 -9.43 -13.94
N LEU A 71 -10.27 -8.67 -14.16
CA LEU A 71 -10.90 -7.91 -13.08
C LEU A 71 -11.36 -8.78 -11.88
N PRO A 72 -11.96 -9.97 -12.13
CA PRO A 72 -12.35 -10.78 -10.95
C PRO A 72 -11.14 -11.23 -10.13
N HIS A 73 -10.07 -11.70 -10.79
CA HIS A 73 -8.93 -12.20 -10.02
C HIS A 73 -8.21 -11.08 -9.29
N LEU A 74 -8.12 -9.92 -9.92
CA LEU A 74 -7.32 -8.85 -9.36
C LEU A 74 -8.11 -8.06 -8.34
N ALA A 75 -9.43 -7.90 -8.57
CA ALA A 75 -10.31 -7.33 -7.56
C ALA A 75 -10.19 -8.11 -6.27
N ASP A 76 -10.08 -9.44 -6.38
CA ASP A 76 -9.90 -10.30 -5.23
C ASP A 76 -8.56 -10.11 -4.49
N LEU A 77 -7.49 -9.96 -5.27
CA LEU A 77 -6.17 -9.74 -4.71
C LEU A 77 -6.19 -8.39 -4.04
N VAL A 78 -6.86 -7.42 -4.64
CA VAL A 78 -6.98 -6.12 -3.98
C VAL A 78 -7.76 -6.18 -2.62
N SER A 79 -8.87 -6.92 -2.62
CA SER A 79 -9.71 -7.06 -1.45
C SER A 79 -8.96 -7.75 -0.31
N TYR A 80 -8.25 -8.82 -0.60
CA TYR A 80 -7.31 -9.45 0.28
C TYR A 80 -6.22 -8.53 0.82
N SER A 81 -5.61 -7.76 -0.07
CA SER A 81 -4.53 -6.86 0.22
C SER A 81 -4.98 -5.76 1.16
N ILE A 82 -6.23 -5.32 1.03
CA ILE A 82 -6.80 -4.30 1.91
C ILE A 82 -6.90 -4.84 3.33
N GLN A 83 -7.31 -6.08 3.49
CA GLN A 83 -7.45 -6.71 4.77
C GLN A 83 -6.12 -6.78 5.45
N LYS A 84 -5.06 -7.03 4.65
CA LYS A 84 -3.71 -7.19 5.15
C LYS A 84 -3.16 -5.85 5.59
N VAL A 85 -3.45 -4.80 4.82
CA VAL A 85 -3.06 -3.44 5.18
C VAL A 85 -3.77 -2.95 6.42
N ILE A 86 -5.04 -3.29 6.55
CA ILE A 86 -5.74 -3.03 7.80
C ILE A 86 -5.07 -3.66 9.05
N GLY A 87 -4.73 -4.95 8.95
CA GLY A 87 -4.06 -5.66 10.06
C GLY A 87 -2.69 -5.02 10.38
N PHE A 88 -2.00 -4.44 9.38
CA PHE A 88 -0.72 -3.77 9.58
C PHE A 88 -0.93 -2.45 10.25
N ALA A 89 -1.87 -1.68 9.74
CA ALA A 89 -2.26 -0.40 10.35
C ALA A 89 -2.50 -0.48 11.87
N LYS A 90 -3.30 -1.44 12.33
CA LYS A 90 -3.57 -1.57 13.77
C LYS A 90 -2.35 -1.75 14.64
N MET A 91 -1.25 -2.17 14.04
CA MET A 91 -0.03 -2.42 14.82
C MET A 91 0.91 -1.22 14.86
N ILE A 92 0.60 -0.15 14.14
CA ILE A 92 1.43 1.06 14.15
C ILE A 92 1.37 1.74 15.53
N PRO A 93 2.53 1.88 16.23
CA PRO A 93 2.51 2.52 17.58
C PRO A 93 1.92 3.93 17.52
N GLY A 94 0.79 4.09 18.22
CA GLY A 94 0.02 5.34 18.24
C GLY A 94 -1.29 5.31 17.44
N PHE A 95 -1.39 4.44 16.44
CA PHE A 95 -2.62 4.31 15.69
C PHE A 95 -3.85 4.01 16.57
N ARG A 96 -3.68 3.23 17.63
CA ARG A 96 -4.80 2.89 18.51
C ARG A 96 -5.34 4.10 19.33
N ASP A 97 -4.53 5.15 19.51
CA ASP A 97 -4.92 6.37 20.23
C ASP A 97 -5.90 7.26 19.45
N LEU A 98 -6.00 7.03 18.13
CA LEU A 98 -6.84 7.80 17.22
C LEU A 98 -8.28 7.41 17.43
N THR A 99 -9.22 8.24 16.97
CA THR A 99 -10.63 7.87 17.06
C THR A 99 -10.94 6.87 15.95
N SER A 100 -11.99 6.05 16.13
CA SER A 100 -12.49 5.16 15.10
C SER A 100 -12.65 5.88 13.73
N ASP A 101 -13.09 7.13 13.75
CA ASP A 101 -13.29 7.92 12.54
C ASP A 101 -11.99 8.35 11.87
N ASP A 102 -11.02 8.79 12.67
CA ASP A 102 -9.71 9.12 12.11
C ASP A 102 -9.09 7.87 11.56
N GLN A 103 -9.40 6.73 12.18
CA GLN A 103 -8.89 5.44 11.72
C GLN A 103 -9.44 5.08 10.35
N ILE A 104 -10.72 5.37 10.11
CA ILE A 104 -11.37 5.05 8.84
C ILE A 104 -10.93 5.97 7.71
N VAL A 105 -10.84 7.26 7.98
CA VAL A 105 -10.37 8.21 7.00
C VAL A 105 -8.93 7.91 6.51
N LEU A 106 -8.00 7.63 7.43
CA LEU A 106 -6.63 7.27 7.07
C LEU A 106 -6.53 6.02 6.22
N LEU A 107 -7.24 4.96 6.59
CA LEU A 107 -7.18 3.73 5.80
C LEU A 107 -7.90 3.84 4.45
N LYS A 108 -9.03 4.52 4.43
CA LYS A 108 -9.79 4.72 3.20
C LYS A 108 -9.00 5.45 2.10
N SER A 109 -8.19 6.44 2.47
CA SER A 109 -7.47 7.22 1.46
C SER A 109 -6.06 6.73 1.12
N SER A 110 -5.45 5.94 1.98
CA SER A 110 -4.11 5.44 1.75
C SER A 110 -4.14 4.00 1.25
N ALA A 111 -5.32 3.42 1.10
CA ALA A 111 -5.42 1.97 0.81
C ALA A 111 -4.62 1.62 -0.45
N ILE A 112 -5.01 2.21 -1.60
CA ILE A 112 -4.35 1.94 -2.86
C ILE A 112 -2.85 2.33 -2.82
N GLU A 113 -2.52 3.43 -2.13
CA GLU A 113 -1.12 3.80 -1.95
C GLU A 113 -0.30 2.73 -1.19
N VAL A 114 -0.75 2.31 -0.02
CA VAL A 114 -0.03 1.30 0.74
C VAL A 114 -0.03 -0.04 0.01
N ILE A 115 -1.10 -0.37 -0.71
CA ILE A 115 -1.03 -1.59 -1.54
C ILE A 115 0.04 -1.49 -2.68
N MET A 116 0.18 -0.29 -3.24
CA MET A 116 1.17 -0.05 -4.27
C MET A 116 2.54 -0.27 -3.66
N LEU A 117 2.79 0.40 -2.53
CA LEU A 117 4.04 0.20 -1.77
C LEU A 117 4.38 -1.24 -1.42
N ARG A 118 3.41 -1.99 -0.90
CA ARG A 118 3.71 -3.38 -0.43
C ARG A 118 3.88 -4.36 -1.58
N SER A 119 3.31 -3.97 -2.73
CA SER A 119 3.44 -4.77 -3.94
C SER A 119 4.90 -4.77 -4.47
N ASN A 120 5.65 -3.70 -4.20
CA ASN A 120 7.08 -3.61 -4.58
C ASN A 120 7.92 -4.80 -4.16
N GLN A 121 7.47 -5.50 -3.09
CA GLN A 121 8.19 -6.69 -2.64
C GLN A 121 8.08 -7.88 -3.60
N SER A 122 7.07 -7.88 -4.48
CA SER A 122 6.95 -8.93 -5.50
C SER A 122 7.29 -8.42 -6.92
N PHE A 123 7.46 -7.12 -7.09
CA PHE A 123 7.75 -6.58 -8.39
C PHE A 123 9.19 -6.92 -8.81
N THR A 124 9.36 -7.40 -10.06
CA THR A 124 10.68 -7.76 -10.60
C THR A 124 11.00 -6.84 -11.78
N MET A 125 12.20 -6.24 -11.76
CA MET A 125 12.70 -5.42 -12.88
C MET A 125 13.26 -6.22 -14.05
N ASP A 126 13.30 -7.56 -13.93
CA ASP A 126 13.69 -8.41 -15.06
C ASP A 126 12.73 -8.29 -16.23
N ASP A 127 11.43 -8.28 -15.94
CA ASP A 127 10.43 -8.09 -16.99
C ASP A 127 9.31 -7.11 -16.63
N MET A 128 9.58 -6.26 -15.64
CA MET A 128 8.61 -5.24 -15.25
C MET A 128 7.24 -5.85 -14.87
N SER A 129 7.27 -6.75 -13.90
CA SER A 129 6.04 -7.40 -13.55
C SER A 129 6.03 -7.81 -12.08
N TRP A 130 4.84 -8.16 -11.60
CA TRP A 130 4.66 -8.63 -10.24
C TRP A 130 4.60 -10.14 -10.18
N ASP A 131 5.64 -10.74 -9.61
CA ASP A 131 5.82 -12.20 -9.61
C ASP A 131 5.44 -12.82 -8.28
N CYS A 132 4.26 -13.45 -8.22
CA CYS A 132 3.71 -14.01 -6.97
C CYS A 132 3.67 -15.54 -6.94
N GLY A 133 4.82 -16.18 -7.16
CA GLY A 133 4.88 -17.63 -6.96
C GLY A 133 4.93 -18.38 -8.25
N SER A 134 3.92 -18.27 -9.10
CA SER A 134 3.88 -19.03 -10.33
C SER A 134 3.60 -18.18 -11.54
N GLN A 135 3.62 -18.77 -12.73
CA GLN A 135 3.28 -18.04 -13.97
C GLN A 135 1.81 -17.53 -13.95
N ASP A 136 0.97 -18.26 -13.23
CA ASP A 136 -0.46 -17.94 -13.11
C ASP A 136 -0.66 -16.67 -12.28
N TYR A 137 0.27 -16.43 -11.36
CA TYR A 137 0.19 -15.28 -10.48
C TYR A 137 1.37 -14.34 -10.76
N LYS A 138 1.74 -14.24 -12.04
CA LYS A 138 2.71 -13.28 -12.49
C LYS A 138 1.93 -12.27 -13.28
N TYR A 139 1.78 -11.06 -12.75
CA TYR A 139 0.99 -10.03 -13.41
C TYR A 139 1.86 -9.00 -14.12
N ASP A 140 1.52 -8.73 -15.37
CA ASP A 140 2.21 -7.69 -16.14
C ASP A 140 1.27 -6.60 -16.68
N VAL A 141 1.80 -5.69 -17.49
CA VAL A 141 1.05 -4.53 -17.97
C VAL A 141 -0.22 -4.92 -18.73
N THR A 142 -0.20 -6.08 -19.40
CA THR A 142 -1.38 -6.61 -20.12
C THR A 142 -2.45 -7.11 -19.18
N ASP A 143 -2.04 -7.64 -18.03
CA ASP A 143 -2.99 -8.17 -17.02
C ASP A 143 -3.66 -7.02 -16.34
N VAL A 144 -2.86 -6.03 -15.93
CA VAL A 144 -3.40 -4.86 -15.28
C VAL A 144 -4.28 -4.10 -16.26
N SER A 145 -3.94 -4.10 -17.54
CA SER A 145 -4.86 -3.48 -18.51
C SER A 145 -6.13 -4.30 -18.75
N LYS A 146 -6.09 -5.60 -18.47
CA LYS A 146 -7.29 -6.45 -18.60
C LYS A 146 -8.12 -6.40 -17.34
N ALA A 147 -7.72 -5.52 -16.42
CA ALA A 147 -8.53 -5.19 -15.26
C ALA A 147 -9.39 -3.93 -15.49
N GLY A 148 -9.35 -3.40 -16.71
CA GLY A 148 -10.08 -2.15 -17.06
C GLY A 148 -9.37 -0.82 -16.75
N HIS A 149 -8.05 -0.76 -16.87
CA HIS A 149 -7.31 0.47 -16.59
C HIS A 149 -6.42 0.75 -17.74
N THR A 150 -6.19 2.03 -18.02
CA THR A 150 -5.43 2.46 -19.24
C THR A 150 -3.96 2.78 -18.92
N LEU A 151 -3.16 2.97 -19.97
CA LEU A 151 -1.73 3.27 -19.82
C LEU A 151 -1.47 4.60 -19.12
N GLU A 152 -2.41 5.55 -19.18
CA GLU A 152 -2.30 6.84 -18.44
C GLU A 152 -1.92 6.64 -16.95
N LEU A 153 -2.26 5.48 -16.41
CA LEU A 153 -1.99 5.21 -15.01
C LEU A 153 -0.97 4.13 -14.87
N ILE A 154 -1.07 3.12 -15.73
CA ILE A 154 -0.16 1.98 -15.64
C ILE A 154 1.30 2.33 -15.92
N GLU A 155 1.56 3.25 -16.84
CA GLU A 155 2.95 3.64 -17.18
C GLU A 155 3.61 4.32 -15.96
N PRO A 156 2.94 5.32 -15.36
CA PRO A 156 3.44 5.90 -14.10
C PRO A 156 3.51 4.87 -12.91
N LEU A 157 2.53 3.96 -12.80
CA LEU A 157 2.64 2.87 -11.82
C LEU A 157 3.92 2.01 -11.99
N ILE A 158 4.23 1.60 -13.20
CA ILE A 158 5.42 0.80 -13.45
C ILE A 158 6.68 1.63 -13.17
N LYS A 159 6.74 2.85 -13.70
CA LYS A 159 7.85 3.76 -13.42
C LYS A 159 8.04 3.98 -11.91
N PHE A 160 6.94 3.99 -11.17
CA PHE A 160 7.01 4.15 -9.72
C PHE A 160 7.70 2.96 -9.06
N GLN A 161 7.26 1.76 -9.43
CA GLN A 161 7.77 0.50 -8.88
C GLN A 161 9.27 0.30 -9.19
N VAL A 162 9.67 0.71 -10.38
CA VAL A 162 11.07 0.70 -10.77
C VAL A 162 11.92 1.66 -9.91
N GLY A 163 11.45 2.91 -9.71
CA GLY A 163 12.18 3.93 -8.90
C GLY A 163 12.26 3.53 -7.41
N LEU A 164 11.18 2.87 -6.90
CA LEU A 164 11.12 2.31 -5.56
C LEU A 164 12.09 1.14 -5.45
N LYS A 165 12.13 0.26 -6.47
CA LYS A 165 13.04 -0.92 -6.42
C LYS A 165 14.48 -0.50 -6.41
N LYS A 166 14.80 0.51 -7.22
CA LYS A 166 16.15 1.05 -7.29
C LYS A 166 16.61 1.65 -5.99
N LEU A 167 15.71 1.98 -5.09
CA LEU A 167 16.14 2.52 -3.81
C LEU A 167 16.67 1.40 -2.88
N ASN A 168 16.28 0.14 -3.18
CA ASN A 168 16.85 -1.02 -2.52
C ASN A 168 16.81 -0.84 -1.01
N LEU A 169 15.63 -0.49 -0.52
CA LEU A 169 15.45 -0.16 0.87
C LEU A 169 15.64 -1.38 1.77
N HIS A 170 16.04 -1.15 3.02
CA HIS A 170 16.08 -2.24 3.99
C HIS A 170 14.63 -2.56 4.37
N GLU A 171 14.36 -3.76 4.85
CA GLU A 171 13.00 -4.12 5.20
C GLU A 171 12.47 -3.14 6.24
N GLU A 172 13.34 -2.61 7.10
CA GLU A 172 12.98 -1.62 8.14
C GLU A 172 12.48 -0.30 7.56
N GLU A 173 13.11 0.12 6.47
CA GLU A 173 12.76 1.34 5.81
C GLU A 173 11.43 1.16 5.06
N HIS A 174 11.22 -0.03 4.51
CA HIS A 174 9.98 -0.37 3.82
C HIS A 174 8.74 -0.26 4.76
N VAL A 175 8.85 -0.86 5.96
CA VAL A 175 7.77 -0.84 6.95
C VAL A 175 7.51 0.55 7.52
N LEU A 176 8.55 1.36 7.70
CA LEU A 176 8.40 2.74 8.19
C LEU A 176 7.70 3.61 7.16
N LEU A 177 8.06 3.45 5.88
CA LEU A 177 7.46 4.22 4.79
C LEU A 177 5.97 3.92 4.66
N MET A 178 5.63 2.64 4.75
CA MET A 178 4.25 2.19 4.70
C MET A 178 3.45 2.79 5.85
N ALA A 179 4.06 2.82 7.05
CA ALA A 179 3.44 3.43 8.25
C ALA A 179 3.29 4.94 8.10
N ILE A 180 4.34 5.62 7.63
CA ILE A 180 4.28 7.09 7.42
C ILE A 180 3.21 7.45 6.37
N CYS A 181 3.00 6.58 5.40
CA CYS A 181 2.02 6.84 4.35
C CYS A 181 0.55 6.71 4.90
N ILE A 182 0.36 5.81 5.86
CA ILE A 182 -0.94 5.66 6.47
C ILE A 182 -1.28 6.85 7.39
N VAL A 183 -0.40 7.16 8.34
CA VAL A 183 -0.64 8.26 9.29
C VAL A 183 -0.23 9.61 8.74
N SER A 184 -0.93 10.05 7.72
CA SER A 184 -0.70 11.35 7.09
C SER A 184 -1.81 12.31 7.45
N PRO A 185 -1.46 13.49 7.99
CA PRO A 185 -2.47 14.49 8.44
C PRO A 185 -3.13 15.32 7.31
N ASP A 186 -2.60 15.21 6.09
CA ASP A 186 -3.10 16.02 4.97
C ASP A 186 -4.32 15.42 4.26
N ARG A 187 -4.68 14.21 4.67
CA ARG A 187 -5.82 13.47 4.10
C ARG A 187 -7.12 14.20 4.43
N PRO A 188 -7.98 14.42 3.43
CA PRO A 188 -9.20 15.20 3.65
C PRO A 188 -10.12 14.44 4.61
N GLY A 189 -10.89 15.14 5.45
CA GLY A 189 -11.79 14.51 6.42
C GLY A 189 -11.21 14.26 7.81
N VAL A 190 -9.91 14.43 7.95
CA VAL A 190 -9.19 14.25 9.22
C VAL A 190 -9.74 15.24 10.27
N GLN A 191 -9.86 14.79 11.53
CA GLN A 191 -10.37 15.62 12.62
C GLN A 191 -9.23 16.11 13.47
N ASP A 192 -8.50 15.16 14.05
CA ASP A 192 -7.40 15.51 14.93
C ASP A 192 -6.13 15.46 14.16
N ALA A 193 -5.96 16.46 13.32
CA ALA A 193 -4.76 16.56 12.49
C ALA A 193 -3.48 16.64 13.34
N LYS A 194 -3.50 17.34 14.47
CA LYS A 194 -2.32 17.44 15.34
C LYS A 194 -1.89 16.09 15.92
N LEU A 195 -2.86 15.26 16.31
CA LEU A 195 -2.57 13.90 16.79
C LEU A 195 -1.95 13.01 15.74
N VAL A 196 -2.54 13.01 14.54
CA VAL A 196 -1.98 12.27 13.39
C VAL A 196 -0.57 12.77 13.08
N GLU A 197 -0.37 14.10 13.14
CA GLU A 197 0.95 14.73 12.94
C GLU A 197 1.99 14.20 13.90
N ALA A 198 1.65 14.16 15.20
CA ALA A 198 2.61 13.76 16.22
C ALA A 198 2.90 12.28 16.13
N ILE A 199 1.93 11.49 15.71
CA ILE A 199 2.21 10.08 15.47
C ILE A 199 3.20 9.89 14.31
N GLN A 200 2.98 10.63 13.22
CA GLN A 200 3.82 10.56 12.04
C GLN A 200 5.25 11.02 12.27
N ASP A 201 5.41 12.15 12.97
CA ASP A 201 6.73 12.67 13.42
C ASP A 201 7.59 11.62 14.15
N ARG A 202 6.98 10.89 15.08
CA ARG A 202 7.67 9.78 15.71
C ARG A 202 8.18 8.70 14.69
N LEU A 203 7.37 8.39 13.69
CA LEU A 203 7.77 7.47 12.65
C LEU A 203 8.81 8.08 11.72
N SER A 204 8.63 9.37 11.36
CA SER A 204 9.62 10.12 10.53
C SER A 204 11.01 10.21 11.14
N ASN A 205 11.05 10.62 12.41
CA ASN A 205 12.29 10.64 13.17
C ASN A 205 12.98 9.28 13.28
N THR A 206 12.22 8.21 13.42
CA THR A 206 12.82 6.87 13.47
C THR A 206 13.49 6.57 12.13
N LEU A 207 12.72 6.78 11.06
CA LEU A 207 13.25 6.56 9.75
C LEU A 207 14.51 7.39 9.49
N GLN A 208 14.43 8.70 9.72
CA GLN A 208 15.61 9.60 9.53
C GLN A 208 16.82 9.14 10.34
N THR A 209 16.59 8.71 11.57
CA THR A 209 17.67 8.24 12.40
C THR A 209 18.22 6.89 11.89
N TYR A 210 17.32 6.05 11.39
CA TYR A 210 17.69 4.70 10.96
C TYR A 210 18.56 4.79 9.73
N ILE A 211 18.21 5.64 8.77
CA ILE A 211 19.07 5.83 7.59
C ILE A 211 20.52 6.29 7.99
N ARG A 212 20.59 7.26 8.89
CA ARG A 212 21.85 7.80 9.36
C ARG A 212 22.67 6.86 10.21
N CYS A 213 22.03 5.91 10.89
CA CYS A 213 22.77 4.98 11.75
C CYS A 213 23.02 3.63 11.13
N ARG A 214 22.02 3.11 10.43
CA ARG A 214 22.14 1.77 9.90
C ARG A 214 22.42 1.74 8.42
N HIS A 215 21.93 2.72 7.67
CA HIS A 215 22.12 2.67 6.22
C HIS A 215 23.43 3.41 5.86
N PRO A 216 24.34 2.70 5.18
CA PRO A 216 25.65 3.28 4.85
C PRO A 216 25.73 3.92 3.45
N PRO A 217 26.58 4.97 3.28
CA PRO A 217 26.82 5.53 1.95
C PRO A 217 27.38 4.47 0.96
N PRO A 218 27.13 4.64 -0.37
CA PRO A 218 26.39 5.75 -0.95
C PRO A 218 24.88 5.59 -0.94
N GLY A 219 24.37 4.39 -0.67
CA GLY A 219 22.93 4.19 -0.61
C GLY A 219 22.11 5.13 0.29
N SER A 220 22.73 5.73 1.29
CA SER A 220 22.01 6.61 2.22
C SER A 220 21.82 8.01 1.70
N HIS A 221 22.46 8.32 0.56
CA HIS A 221 22.53 9.68 0.02
C HIS A 221 21.15 10.18 -0.39
N GLN A 222 20.69 11.22 0.32
CA GLN A 222 19.33 11.76 0.22
C GLN A 222 18.24 10.68 0.18
N LEU A 223 18.45 9.58 0.91
CA LEU A 223 17.55 8.45 0.80
C LEU A 223 16.18 8.84 1.38
N TYR A 224 16.19 9.67 2.41
CA TYR A 224 14.97 10.14 3.06
C TYR A 224 14.11 11.02 2.13
N ALA A 225 14.76 12.01 1.50
CA ALA A 225 14.15 12.89 0.51
C ALA A 225 13.58 12.13 -0.68
N LYS A 226 14.28 11.09 -1.14
CA LYS A 226 13.76 10.20 -2.21
C LYS A 226 12.60 9.33 -1.72
N MET A 227 12.62 8.92 -0.46
CA MET A 227 11.47 8.22 0.10
C MET A 227 10.18 9.11 0.20
N ILE A 228 10.34 10.36 0.63
CA ILE A 228 9.26 11.34 0.69
C ILE A 228 8.76 11.66 -0.74
N GLN A 229 9.66 11.77 -1.71
CA GLN A 229 9.27 11.95 -3.12
C GLN A 229 8.33 10.84 -3.58
N LYS A 230 8.63 9.59 -3.18
CA LYS A 230 7.81 8.47 -3.54
C LYS A 230 6.38 8.63 -3.01
N LEU A 231 6.27 9.06 -1.75
CA LEU A 231 4.97 9.43 -1.15
C LEU A 231 4.19 10.48 -1.96
N ALA A 232 4.90 11.41 -2.58
CA ALA A 232 4.28 12.38 -3.45
C ALA A 232 3.87 11.75 -4.77
N ASP A 233 4.70 10.86 -5.31
CA ASP A 233 4.32 10.15 -6.51
C ASP A 233 3.07 9.31 -6.30
N LEU A 234 2.90 8.78 -5.06
CA LEU A 234 1.70 8.03 -4.71
C LEU A 234 0.43 8.88 -4.63
N ARG A 235 0.54 10.13 -4.22
CA ARG A 235 -0.58 11.04 -4.25
C ARG A 235 -1.06 11.23 -5.67
N SER A 236 -0.15 11.26 -6.64
CA SER A 236 -0.51 11.45 -8.06
C SER A 236 -1.21 10.20 -8.57
N LEU A 237 -0.71 9.04 -8.16
CA LEU A 237 -1.23 7.74 -8.63
C LEU A 237 -2.60 7.52 -8.04
N ASN A 238 -2.78 7.97 -6.81
CA ASN A 238 -4.07 7.89 -6.13
C ASN A 238 -5.15 8.68 -6.86
N GLU A 239 -4.85 9.96 -7.16
CA GLU A 239 -5.76 10.89 -7.81
C GLU A 239 -6.22 10.36 -9.17
N GLU A 240 -5.31 9.78 -9.95
CA GLU A 240 -5.66 9.16 -11.24
C GLU A 240 -6.49 7.88 -11.04
N HIS A 241 -6.06 7.07 -10.08
CA HIS A 241 -6.82 5.90 -9.70
C HIS A 241 -8.29 6.24 -9.42
N SER A 242 -8.52 7.23 -8.55
CA SER A 242 -9.87 7.72 -8.23
C SER A 242 -10.74 7.95 -9.46
N LYS A 243 -10.17 8.64 -10.48
CA LYS A 243 -10.80 8.87 -11.80
C LYS A 243 -11.11 7.60 -12.61
N GLN A 244 -10.10 6.78 -12.88
CA GLN A 244 -10.32 5.54 -13.65
C GLN A 244 -11.21 4.51 -12.90
N TYR A 245 -11.21 4.54 -11.56
CA TYR A 245 -12.07 3.67 -10.78
C TYR A 245 -13.52 4.14 -10.93
N ARG A 246 -13.76 5.45 -10.83
CA ARG A 246 -15.09 6.01 -10.91
C ARG A 246 -15.73 5.75 -12.29
N SER A 247 -14.89 5.62 -13.33
CA SER A 247 -15.39 5.36 -14.71
C SER A 247 -15.59 3.85 -14.93
N LEU A 248 -14.68 3.05 -14.38
CA LEU A 248 -14.86 1.59 -14.41
C LEU A 248 -16.11 1.15 -13.58
N SER A 249 -16.28 1.71 -12.38
CA SER A 249 -17.41 1.37 -11.49
C SER A 249 -18.69 2.14 -11.80
N PHE A 250 -18.68 2.87 -12.91
CA PHE A 250 -19.82 3.64 -13.32
C PHE A 250 -20.79 2.59 -13.78
N GLN A 251 -20.29 1.65 -14.58
CA GLN A 251 -21.16 0.63 -15.13
C GLN A 251 -21.32 -0.50 -14.12
N PRO A 252 -22.58 -0.73 -13.70
CA PRO A 252 -22.88 -1.78 -12.74
C PRO A 252 -22.33 -3.18 -13.11
N GLU A 253 -22.35 -3.52 -14.39
CA GLU A 253 -21.76 -4.78 -14.86
C GLU A 253 -20.34 -4.98 -14.31
N ASN A 254 -19.59 -3.90 -14.12
CA ASN A 254 -18.21 -3.97 -13.57
C ASN A 254 -18.07 -3.92 -12.04
N SER A 255 -18.86 -3.08 -11.35
CA SER A 255 -18.83 -3.06 -9.89
C SER A 255 -19.46 -4.34 -9.37
N MET A 256 -20.08 -5.10 -10.28
CA MET A 256 -20.65 -6.38 -9.98
C MET A 256 -19.55 -7.43 -9.86
N LYS A 257 -18.40 -7.18 -10.46
CA LYS A 257 -17.25 -8.08 -10.40
C LYS A 257 -16.33 -7.80 -9.21
N LEU A 258 -16.60 -6.74 -8.47
CA LEU A 258 -15.73 -6.37 -7.39
C LEU A 258 -16.14 -7.08 -6.10
N THR A 259 -15.55 -6.68 -4.98
CA THR A 259 -15.92 -7.26 -3.69
C THR A 259 -16.67 -6.23 -2.86
N PRO A 260 -17.41 -6.72 -1.84
CA PRO A 260 -18.03 -5.83 -0.86
C PRO A 260 -17.02 -4.88 -0.16
N LEU A 261 -15.83 -5.36 0.15
CA LEU A 261 -14.88 -4.55 0.87
C LEU A 261 -14.29 -3.54 -0.08
N VAL A 262 -13.94 -4.00 -1.28
CA VAL A 262 -13.42 -3.11 -2.28
C VAL A 262 -14.41 -1.95 -2.57
N LEU A 263 -15.71 -2.26 -2.61
CA LEU A 263 -16.69 -1.25 -2.88
C LEU A 263 -16.85 -0.28 -1.73
N GLU A 264 -16.72 -0.78 -0.50
CA GLU A 264 -16.79 0.09 0.67
C GLU A 264 -15.61 1.08 0.76
N VAL A 265 -14.41 0.59 0.49
CA VAL A 265 -13.20 1.41 0.56
C VAL A 265 -13.09 2.48 -0.53
N PHE A 266 -13.50 2.14 -1.74
CA PHE A 266 -13.33 3.01 -2.91
C PHE A 266 -14.59 3.73 -3.31
N GLY A 267 -15.72 3.02 -3.38
CA GLY A 267 -17.00 3.65 -3.74
C GLY A 267 -17.90 2.68 -4.50
N ASN B 2 -20.73 5.64 6.40
CA ASN B 2 -20.97 4.28 6.97
C ASN B 2 -20.08 3.19 6.41
N HIS B 3 -19.18 2.66 7.24
CA HIS B 3 -18.23 1.65 6.79
C HIS B 3 -18.16 0.45 7.74
N PRO B 4 -19.26 -0.34 7.80
CA PRO B 4 -19.35 -1.38 8.81
C PRO B 4 -18.20 -2.37 8.70
N MET B 5 -17.96 -2.92 7.51
CA MET B 5 -16.85 -3.85 7.24
C MET B 5 -15.50 -3.29 7.64
N LEU B 6 -15.32 -1.99 7.44
CA LEU B 6 -14.04 -1.36 7.70
C LEU B 6 -13.93 -1.21 9.22
N MET B 7 -15.03 -0.82 9.88
CA MET B 7 -15.00 -0.63 11.33
C MET B 7 -14.89 -1.94 12.07
N ASN B 8 -15.50 -2.99 11.53
CA ASN B 8 -15.28 -4.32 12.05
C ASN B 8 -13.83 -4.79 11.99
N LEU B 9 -13.18 -4.63 10.84
CA LEU B 9 -11.82 -5.09 10.69
C LEU B 9 -10.87 -4.32 11.61
N LEU B 10 -11.24 -3.11 11.99
CA LEU B 10 -10.40 -2.27 12.80
C LEU B 10 -10.64 -2.41 14.32
N LYS B 11 -11.83 -2.91 14.70
CA LYS B 11 -12.26 -2.99 16.11
C LYS B 11 -11.30 -3.87 16.88
CAV YS5 C . 1.03 -8.67 -5.02
CBB YS5 C . 1.62 -8.88 -3.60
OAG YS5 C . 2.87 -8.24 -3.51
CAY YS5 C . 0.75 -8.41 -2.62
CAA YS5 C . 0.38 -9.26 -1.56
CBC YS5 C . 0.22 -7.14 -2.74
OAH YS5 C . -0.67 -6.88 -1.65
CAW YS5 C . -0.54 -7.01 -4.09
CAZ YS5 C . 0.26 -7.51 -5.17
CAJ YS5 C . 0.40 -6.80 -6.36
CAK YS5 C . -0.77 -5.86 -6.72
CBA YS5 C . -0.72 -5.10 -7.91
CAQ YS5 C . -0.06 -5.60 -9.01
CAP YS5 C . -1.07 -5.96 -10.09
CAT YS5 C . -2.19 -4.91 -10.28
CBI YS5 C . -2.77 -4.46 -8.97
CAF YS5 C . -3.55 -5.65 -8.29
CBG YS5 C . -1.57 -3.98 -8.19
CAU YS5 C . -2.14 -3.17 -7.04
CAS YS5 C . -3.52 -2.63 -7.58
CBF YS5 C . -3.64 -3.16 -9.02
CBD YS5 C . -5.14 -3.36 -9.46
CAE YS5 C . -5.22 -3.95 -10.88
CBE YS5 C . -5.99 -2.06 -9.44
CAX YS5 C . -7.49 -2.36 -9.77
CBH YS5 C . -8.54 -1.58 -8.96
CAN YS5 C . -9.90 -2.26 -9.07
CAD YS5 C . -9.73 -3.78 -9.19
OAI YS5 C . -8.76 -0.28 -9.49
CAM YS5 C . -8.10 -1.46 -7.48
CAC YS5 C . -9.21 -0.85 -6.61
CAR YS5 C . -5.49 -1.07 -10.49
CAO YS5 C . -4.16 -0.50 -10.03
CAL YS5 C . -3.83 0.82 -10.75
CAB YS5 C . -3.33 1.74 -9.64
#